data_5YH1
#
_entry.id   5YH1
#
_cell.length_a   132.500
_cell.length_b   132.500
_cell.length_c   212.245
_cell.angle_alpha   90.00
_cell.angle_beta   90.00
_cell.angle_gamma   120.00
#
_symmetry.space_group_name_H-M   'P 63 2 2'
#
loop_
_entity.id
_entity.type
_entity.pdbx_description
1 polymer 'Member of s1p family of ribosomal proteins'
2 non-polymer GLYCEROL
3 non-polymer 'MANGANESE (II) ION'
4 water water
#
_entity_poly.entity_id   1
_entity_poly.type   'polypeptide(L)'
_entity_poly.pdbx_seq_one_letter_code
;PGSH(MSE)AEVKRKIEEELDRRAQPSDVGFLVKSEVLEALKPKI(MSE)KAAF(MSE)IRRAIFEGRPIILRHHADTDG
YTAGVALETAIIPLIEKVAPDPEARWHLFKRRPSRAPFYELEDVLKDIIF(MSE)(MSE)EDH(MSE)RFGDELPLVVIV
DNGGTTEDIPAYKRLKAYGVKIVVIDHHDPRDWISEDKAKVDEYVDVHVNPHHVKRGYYELTAG(MSE)LATEVARYINP
EVEDRIKHLPAIAGTGDRSKAPEFYQYLEYAKEKGLDEEDLKKIAEVIDHEAFYWKF(MSE)DGRGIIEEILLITGNLQR
HR(MSE)LVEGIYPEVKEKQEKVLKAVLPHVKSVVLPNGIRFNTIDVELYAPKFEYPSPGKLSGIIHDHFKEQYGEDSPI
LTLAYGPDFAVVRASDG(MSE)AKYNFDLNKIVKILAEKLPDAGVEGGGHSYAGSIKFFEGKRKEVLEAFAKEVLKLKAG
E
;
_entity_poly.pdbx_strand_id   A
#
# COMPACT_ATOMS: atom_id res chain seq x y z
N PRO A 1 -35.03 -17.09 32.40
CA PRO A 1 -33.74 -16.65 32.93
C PRO A 1 -32.64 -16.61 31.84
N GLY A 2 -31.79 -17.64 31.75
CA GLY A 2 -30.79 -17.73 30.70
C GLY A 2 -31.41 -18.06 29.35
N SER A 3 -32.60 -18.66 29.35
CA SER A 3 -33.32 -19.02 28.12
C SER A 3 -33.89 -17.79 27.39
N HIS A 4 -34.40 -16.83 28.17
CA HIS A 4 -34.86 -15.51 27.68
C HIS A 4 -33.71 -14.80 26.94
N ALA A 6 -30.80 -15.99 25.87
CA ALA A 6 -30.20 -16.77 24.78
C ALA A 6 -31.04 -16.74 23.51
N GLU A 7 -32.36 -16.82 23.65
CA GLU A 7 -33.25 -16.76 22.50
C GLU A 7 -33.24 -15.38 21.83
N VAL A 8 -33.17 -14.33 22.66
CA VAL A 8 -33.08 -12.96 22.16
C VAL A 8 -31.72 -12.72 21.46
N LYS A 9 -30.66 -13.29 22.03
CA LYS A 9 -29.33 -13.18 21.43
C LYS A 9 -29.30 -13.86 20.05
N ARG A 10 -29.86 -15.05 19.96
CA ARG A 10 -29.88 -15.81 18.70
C ARG A 10 -30.60 -15.04 17.58
N LYS A 11 -31.67 -14.35 17.93
CA LYS A 11 -32.43 -13.56 16.97
C LYS A 11 -31.67 -12.30 16.57
N ILE A 12 -30.95 -11.71 17.52
CA ILE A 12 -30.10 -10.56 17.24
C ILE A 12 -28.98 -10.94 16.26
N GLU A 13 -28.36 -12.11 16.44
CA GLU A 13 -27.33 -12.58 15.52
C GLU A 13 -27.88 -12.72 14.10
N GLU A 14 -29.10 -13.23 13.99
CA GLU A 14 -29.70 -13.45 12.68
C GLU A 14 -30.07 -12.15 11.99
N GLU A 15 -30.61 -11.20 12.75
CA GLU A 15 -30.92 -9.88 12.21
C GLU A 15 -29.67 -9.06 11.88
N LEU A 16 -28.58 -9.33 12.60
CA LEU A 16 -27.29 -8.72 12.29
C LEU A 16 -26.76 -9.22 10.96
N ASP A 17 -26.83 -10.53 10.74
CA ASP A 17 -26.50 -11.14 9.45
C ASP A 17 -27.29 -10.51 8.31
N ARG A 18 -28.58 -10.32 8.52
CA ARG A 18 -29.46 -9.78 7.48
C ARG A 18 -29.11 -8.33 7.21
N ARG A 19 -29.05 -7.50 8.24
CA ARG A 19 -28.74 -6.08 8.04
C ARG A 19 -27.34 -5.82 7.47
N ALA A 20 -26.38 -6.68 7.81
CA ALA A 20 -25.00 -6.50 7.37
C ALA A 20 -24.82 -6.76 5.87
N GLN A 21 -25.69 -7.57 5.28
CA GLN A 21 -25.62 -7.87 3.85
C GLN A 21 -25.53 -6.57 3.08
N PRO A 22 -24.48 -6.40 2.26
CA PRO A 22 -24.42 -5.21 1.44
C PRO A 22 -25.30 -5.31 0.17
N SER A 23 -25.76 -4.18 -0.33
CA SER A 23 -26.41 -4.11 -1.63
C SER A 23 -25.38 -4.33 -2.73
N ASP A 24 -25.83 -4.85 -3.86
CA ASP A 24 -24.97 -4.95 -5.03
C ASP A 24 -24.99 -3.60 -5.74
N VAL A 25 -24.04 -2.73 -5.41
CA VAL A 25 -23.95 -1.39 -6.00
C VAL A 25 -23.04 -1.33 -7.22
N GLY A 26 -22.60 -2.47 -7.73
CA GLY A 26 -21.71 -2.49 -8.87
C GLY A 26 -20.38 -1.83 -8.58
N PHE A 27 -19.78 -1.24 -9.62
CA PHE A 27 -18.48 -0.59 -9.53
C PHE A 27 -18.47 0.75 -10.27
N LEU A 28 -17.46 1.57 -9.99
CA LEU A 28 -17.35 2.91 -10.59
C LEU A 28 -16.84 2.88 -12.01
N VAL A 29 -16.24 1.75 -12.40
CA VAL A 29 -15.60 1.58 -13.69
C VAL A 29 -15.92 0.18 -14.21
N LYS A 30 -15.66 -0.06 -15.51
CA LYS A 30 -15.77 -1.40 -16.08
C LYS A 30 -14.48 -2.16 -15.84
N SER A 31 -14.59 -3.41 -15.40
CA SER A 31 -13.43 -4.20 -15.03
C SER A 31 -13.82 -5.66 -14.81
N GLU A 32 -13.27 -6.56 -15.61
CA GLU A 32 -13.49 -7.98 -15.41
C GLU A 32 -12.83 -8.47 -14.12
N VAL A 33 -11.72 -7.83 -13.74
CA VAL A 33 -11.03 -8.16 -12.50
C VAL A 33 -11.93 -7.86 -11.30
N LEU A 34 -12.50 -6.67 -11.23
CA LEU A 34 -13.41 -6.34 -10.15
C LEU A 34 -14.62 -7.27 -10.12
N GLU A 35 -15.18 -7.56 -11.29
CA GLU A 35 -16.32 -8.49 -11.38
C GLU A 35 -15.96 -9.83 -10.78
N ALA A 36 -14.80 -10.35 -11.12
CA ALA A 36 -14.34 -11.61 -10.56
C ALA A 36 -14.10 -11.52 -9.02
N LEU A 37 -13.74 -10.34 -8.52
CA LEU A 37 -13.50 -10.13 -7.08
C LEU A 37 -14.76 -9.79 -6.29
N LYS A 38 -15.88 -9.62 -6.98
CA LYS A 38 -17.13 -9.16 -6.35
C LYS A 38 -17.57 -9.97 -5.12
N PRO A 39 -17.55 -11.31 -5.20
CA PRO A 39 -17.95 -12.08 -4.02
C PRO A 39 -17.09 -11.77 -2.76
N LYS A 40 -15.78 -11.66 -2.93
CA LYS A 40 -14.89 -11.34 -1.81
C LYS A 40 -15.02 -9.89 -1.38
N ILE A 41 -15.23 -8.99 -2.34
CA ILE A 41 -15.51 -7.60 -2.03
C ILE A 41 -16.78 -7.47 -1.16
N LYS A 43 -18.15 -9.90 0.65
CA LYS A 43 -17.85 -10.52 1.94
C LYS A 43 -17.08 -9.57 2.87
N ALA A 44 -16.07 -8.88 2.34
CA ALA A 44 -15.32 -7.89 3.12
C ALA A 44 -16.26 -6.83 3.70
N ALA A 45 -17.14 -6.33 2.85
CA ALA A 45 -18.08 -5.30 3.27
C ALA A 45 -19.09 -5.83 4.28
N PHE A 46 -19.52 -7.07 4.09
CA PHE A 46 -20.39 -7.74 5.05
C PHE A 46 -19.73 -7.81 6.44
N ILE A 48 -17.24 -6.05 7.68
CA ILE A 48 -17.02 -4.73 8.25
C ILE A 48 -18.33 -4.15 8.78
N ARG A 49 -19.39 -4.22 7.99
CA ARG A 49 -20.71 -3.72 8.39
C ARG A 49 -21.23 -4.45 9.63
N ARG A 50 -20.99 -5.75 9.71
CA ARG A 50 -21.46 -6.55 10.84
C ARG A 50 -20.77 -6.12 12.15
N ALA A 51 -19.44 -5.97 12.09
CA ALA A 51 -18.70 -5.44 13.23
C ALA A 51 -19.27 -4.11 13.70
N ILE A 52 -19.57 -3.22 12.75
CA ILE A 52 -20.15 -1.90 13.07
C ILE A 52 -21.50 -2.03 13.77
N PHE A 53 -22.36 -2.87 13.24
CA PHE A 53 -23.71 -2.98 13.75
C PHE A 53 -23.76 -3.67 15.12
N GLU A 54 -22.79 -4.54 15.42
CA GLU A 54 -22.73 -5.17 16.73
C GLU A 54 -21.95 -4.34 17.76
N GLY A 55 -21.42 -3.20 17.35
CA GLY A 55 -20.66 -2.35 18.26
C GLY A 55 -19.27 -2.89 18.57
N ARG A 56 -18.75 -3.72 17.67
CA ARG A 56 -17.41 -4.25 17.79
C ARG A 56 -16.40 -3.24 17.24
N PRO A 57 -15.27 -3.05 17.94
CA PRO A 57 -14.28 -2.11 17.41
C PRO A 57 -13.60 -2.64 16.15
N ILE A 58 -13.04 -1.72 15.38
CA ILE A 58 -12.31 -2.03 14.17
C ILE A 58 -10.94 -1.37 14.24
N ILE A 59 -9.90 -2.15 13.92
CA ILE A 59 -8.57 -1.60 13.69
C ILE A 59 -8.28 -1.70 12.21
N LEU A 60 -7.98 -0.57 11.59
CA LEU A 60 -7.57 -0.54 10.19
C LEU A 60 -6.08 -0.16 10.09
N ARG A 61 -5.28 -1.11 9.63
CA ARG A 61 -3.86 -0.90 9.36
C ARG A 61 -3.66 -0.70 7.87
N HIS A 62 -2.86 0.30 7.49
CA HIS A 62 -2.53 0.52 6.10
C HIS A 62 -1.09 0.96 5.90
N HIS A 63 -0.52 0.59 4.78
CA HIS A 63 0.82 1.06 4.41
C HIS A 63 0.83 2.59 4.32
N ALA A 64 1.96 3.19 4.70
CA ALA A 64 2.05 4.63 4.89
C ALA A 64 2.51 5.38 3.63
N ASP A 65 1.88 5.09 2.49
CA ASP A 65 2.11 5.88 1.28
C ASP A 65 0.80 6.35 0.69
N THR A 66 0.87 7.05 -0.43
CA THR A 66 -0.31 7.68 -1.00
C THR A 66 -1.44 6.67 -1.22
N ASP A 67 -1.13 5.55 -1.85
CA ASP A 67 -2.13 4.52 -2.15
C ASP A 67 -2.73 3.96 -0.85
N GLY A 68 -1.87 3.67 0.12
CA GLY A 68 -2.32 3.16 1.42
C GLY A 68 -3.15 4.13 2.23
N TYR A 69 -2.70 5.38 2.34
CA TYR A 69 -3.47 6.41 3.05
C TYR A 69 -4.81 6.59 2.36
N THR A 70 -4.79 6.70 1.04
CA THR A 70 -6.03 6.90 0.29
C THR A 70 -7.01 5.76 0.56
N ALA A 71 -6.51 4.53 0.52
CA ALA A 71 -7.32 3.35 0.77
C ALA A 71 -7.89 3.36 2.18
N GLY A 72 -7.03 3.64 3.16
CA GLY A 72 -7.46 3.69 4.54
C GLY A 72 -8.52 4.75 4.78
N VAL A 73 -8.30 5.93 4.20
CA VAL A 73 -9.23 7.04 4.42
C VAL A 73 -10.56 6.80 3.69
N ALA A 74 -10.50 6.18 2.51
CA ALA A 74 -11.72 5.75 1.83
C ALA A 74 -12.60 4.90 2.75
N LEU A 75 -12.00 3.88 3.35
CA LEU A 75 -12.74 2.97 4.23
C LEU A 75 -13.25 3.68 5.49
N GLU A 76 -12.41 4.51 6.09
CA GLU A 76 -12.81 5.29 7.27
C GLU A 76 -14.00 6.19 6.99
N THR A 77 -14.01 6.81 5.80
CA THR A 77 -15.06 7.73 5.42
C THR A 77 -16.42 7.04 5.32
N ALA A 78 -16.43 5.78 4.88
CA ALA A 78 -17.65 4.97 4.83
C ALA A 78 -18.07 4.43 6.21
N ILE A 79 -17.09 4.04 7.01
CA ILE A 79 -17.33 3.39 8.30
C ILE A 79 -17.83 4.34 9.38
N ILE A 80 -17.18 5.49 9.53
CA ILE A 80 -17.48 6.42 10.64
C ILE A 80 -18.96 6.82 10.71
N PRO A 81 -19.56 7.24 9.57
CA PRO A 81 -20.99 7.58 9.61
C PRO A 81 -21.90 6.45 10.09
N LEU A 82 -21.62 5.21 9.69
CA LEU A 82 -22.41 4.08 10.14
C LEU A 82 -22.26 3.89 11.66
N ILE A 83 -21.03 3.98 12.14
CA ILE A 83 -20.78 3.88 13.58
C ILE A 83 -21.59 4.93 14.33
N GLU A 84 -21.60 6.16 13.80
CA GLU A 84 -22.30 7.27 14.45
C GLU A 84 -23.82 7.13 14.42
N LYS A 85 -24.38 6.49 13.39
CA LYS A 85 -25.83 6.31 13.32
C LYS A 85 -26.32 5.21 14.28
N VAL A 86 -25.50 4.20 14.57
CA VAL A 86 -25.93 3.10 15.45
C VAL A 86 -25.50 3.24 16.91
N ALA A 87 -24.54 4.12 17.18
CA ALA A 87 -24.05 4.28 18.55
C ALA A 87 -24.76 5.44 19.26
N PRO A 88 -25.23 5.20 20.50
CA PRO A 88 -25.80 6.31 21.28
C PRO A 88 -24.71 7.31 21.71
N ASP A 89 -23.57 6.79 22.13
CA ASP A 89 -22.44 7.60 22.61
C ASP A 89 -21.79 8.40 21.46
N PRO A 90 -21.60 9.72 21.65
CA PRO A 90 -20.83 10.48 20.65
C PRO A 90 -19.32 10.21 20.66
N GLU A 91 -18.82 9.53 21.69
CA GLU A 91 -17.42 9.08 21.73
C GLU A 91 -17.19 7.79 20.92
N ALA A 92 -18.27 7.14 20.47
CA ALA A 92 -18.17 5.86 19.76
C ALA A 92 -17.29 5.89 18.52
N ARG A 93 -17.44 6.92 17.70
CA ARG A 93 -16.56 7.16 16.55
C ARG A 93 -15.09 7.00 16.94
N TRP A 94 -14.70 7.68 18.01
CA TRP A 94 -13.29 7.78 18.39
C TRP A 94 -12.82 6.49 19.03
N HIS A 95 -13.72 5.80 19.70
CA HIS A 95 -13.35 4.62 20.46
C HIS A 95 -13.42 3.33 19.64
N LEU A 96 -14.42 3.22 18.76
CA LEU A 96 -14.71 1.97 18.07
C LEU A 96 -14.10 1.88 16.66
N PHE A 97 -13.30 2.87 16.29
CA PHE A 97 -12.52 2.81 15.06
C PHE A 97 -11.14 3.44 15.23
N LYS A 98 -10.12 2.71 14.82
CA LYS A 98 -8.74 3.20 14.84
C LYS A 98 -8.06 2.92 13.52
N ARG A 99 -7.42 3.95 12.96
CA ARG A 99 -6.63 3.82 11.75
C ARG A 99 -5.16 4.03 12.12
N ARG A 100 -4.31 3.07 11.77
CA ARG A 100 -2.89 3.10 12.12
C ARG A 100 -2.02 2.79 10.91
N PRO A 101 -1.16 3.75 10.50
CA PRO A 101 -0.28 3.44 9.38
C PRO A 101 0.83 2.48 9.77
N SER A 102 1.31 1.74 8.78
CA SER A 102 2.46 0.88 8.90
C SER A 102 3.48 1.38 7.89
N ARG A 103 4.66 1.75 8.36
CA ARG A 103 5.71 2.23 7.49
C ARG A 103 6.36 1.06 6.75
N ALA A 104 6.39 -0.11 7.36
CA ALA A 104 6.90 -1.31 6.71
C ALA A 104 5.93 -1.86 5.66
N PRO A 105 6.44 -2.54 4.62
CA PRO A 105 5.57 -3.15 3.61
C PRO A 105 4.96 -4.50 4.05
N PHE A 106 4.90 -4.73 5.35
CA PHE A 106 4.21 -5.89 5.88
C PHE A 106 3.76 -5.58 7.31
N TYR A 107 2.90 -6.44 7.84
CA TYR A 107 2.37 -6.27 9.19
C TYR A 107 3.47 -6.68 10.19
N GLU A 108 4.29 -5.71 10.56
CA GLU A 108 5.42 -5.90 11.48
C GLU A 108 5.00 -6.38 12.84
N LEU A 109 5.86 -7.12 13.52
CA LEU A 109 5.54 -7.61 14.87
C LEU A 109 5.34 -6.46 15.86
N GLU A 110 6.11 -5.39 15.72
CA GLU A 110 5.93 -4.23 16.59
C GLU A 110 4.52 -3.66 16.46
N ASP A 111 3.99 -3.63 15.23
CA ASP A 111 2.63 -3.16 14.99
C ASP A 111 1.58 -4.09 15.56
N VAL A 112 1.66 -5.39 15.24
CA VAL A 112 0.62 -6.31 15.70
C VAL A 112 0.65 -6.47 17.22
N LEU A 113 1.83 -6.46 17.81
CA LEU A 113 1.92 -6.63 19.27
C LEU A 113 1.30 -5.44 19.99
N LYS A 114 1.53 -4.25 19.44
CA LYS A 114 0.87 -3.06 19.95
C LYS A 114 -0.66 -3.17 19.80
N ASP A 115 -1.12 -3.62 18.64
CA ASP A 115 -2.55 -3.80 18.42
C ASP A 115 -3.16 -4.79 19.43
N ILE A 116 -2.45 -5.88 19.72
CA ILE A 116 -2.94 -6.87 20.67
C ILE A 116 -2.95 -6.32 22.10
N ILE A 117 -1.91 -5.62 22.50
CA ILE A 117 -1.86 -5.06 23.86
C ILE A 117 -2.98 -4.04 24.05
N PHE A 118 -3.14 -3.15 23.07
CA PHE A 118 -4.20 -2.14 23.12
C PHE A 118 -5.59 -2.77 23.13
N GLU A 121 -6.33 -4.40 26.46
CA GLU A 121 -6.66 -3.42 27.51
C GLU A 121 -8.11 -2.96 27.43
N ASP A 122 -8.58 -2.60 26.24
CA ASP A 122 -9.98 -2.21 26.06
C ASP A 122 -10.93 -3.34 26.42
N HIS A 123 -10.57 -4.56 26.06
CA HIS A 123 -11.34 -5.74 26.43
C HIS A 123 -11.47 -5.85 27.95
N ARG A 125 -10.54 -3.71 30.42
CA ARG A 125 -10.89 -2.51 31.18
C ARG A 125 -12.33 -2.03 30.94
N PHE A 126 -12.77 -2.06 29.68
CA PHE A 126 -14.10 -1.54 29.34
C PHE A 126 -15.08 -2.61 28.86
N GLY A 127 -14.66 -3.87 28.77
CA GLY A 127 -15.52 -4.95 28.29
C GLY A 127 -15.79 -4.96 26.80
N ASP A 128 -15.03 -4.18 26.02
CA ASP A 128 -15.14 -4.21 24.56
C ASP A 128 -14.86 -5.61 24.01
N GLU A 129 -15.58 -5.99 22.98
CA GLU A 129 -15.22 -7.17 22.20
C GLU A 129 -13.87 -6.93 21.52
N LEU A 130 -13.20 -8.01 21.16
CA LEU A 130 -11.98 -7.93 20.40
C LEU A 130 -12.31 -7.46 18.97
N PRO A 131 -11.43 -6.68 18.36
CA PRO A 131 -11.79 -6.00 17.13
C PRO A 131 -11.76 -6.89 15.89
N LEU A 132 -12.42 -6.41 14.84
CA LEU A 132 -12.16 -6.86 13.49
C LEU A 132 -10.94 -6.09 13.03
N VAL A 133 -9.97 -6.81 12.48
CA VAL A 133 -8.76 -6.22 11.94
C VAL A 133 -8.84 -6.20 10.41
N VAL A 134 -8.66 -5.00 9.84
CA VAL A 134 -8.66 -4.78 8.39
C VAL A 134 -7.29 -4.24 8.01
N ILE A 135 -6.57 -4.98 7.17
CA ILE A 135 -5.24 -4.59 6.72
C ILE A 135 -5.32 -4.24 5.25
N VAL A 136 -4.71 -3.11 4.86
CA VAL A 136 -4.93 -2.51 3.55
C VAL A 136 -3.61 -2.06 2.95
N ASP A 137 -3.39 -2.41 1.69
CA ASP A 137 -2.13 -2.17 0.97
C ASP A 137 -0.92 -2.91 1.57
N ASN A 138 -1.21 -3.77 2.54
CA ASN A 138 -0.26 -4.67 3.18
C ASN A 138 -1.11 -5.89 3.48
N GLY A 139 -0.46 -6.98 3.93
CA GLY A 139 -1.20 -8.09 4.53
C GLY A 139 -1.39 -9.32 3.67
N GLY A 140 -1.21 -9.19 2.36
CA GLY A 140 -1.52 -10.27 1.43
C GLY A 140 -0.36 -11.21 1.10
N THR A 141 0.69 -11.21 1.92
CA THR A 141 1.87 -12.05 1.66
C THR A 141 2.25 -12.93 2.82
N THR A 142 3.20 -13.82 2.54
CA THR A 142 3.74 -14.75 3.53
C THR A 142 4.46 -14.03 4.69
N GLU A 143 5.01 -12.85 4.43
CA GLU A 143 5.68 -12.05 5.48
C GLU A 143 4.68 -11.55 6.54
N ASP A 144 3.39 -11.61 6.23
CA ASP A 144 2.35 -11.18 7.16
C ASP A 144 1.87 -12.30 8.09
N ILE A 145 2.22 -13.55 7.79
CA ILE A 145 1.71 -14.70 8.55
C ILE A 145 2.06 -14.70 10.05
N PRO A 146 3.31 -14.35 10.40
CA PRO A 146 3.64 -14.28 11.83
C PRO A 146 2.69 -13.40 12.64
N ALA A 147 2.30 -12.25 12.08
CA ALA A 147 1.32 -11.39 12.74
C ALA A 147 -0.03 -12.08 12.89
N TYR A 148 -0.42 -12.81 11.85
CA TYR A 148 -1.74 -13.47 11.85
C TYR A 148 -1.76 -14.66 12.81
N LYS A 149 -0.65 -15.38 12.94
CA LYS A 149 -0.56 -16.45 13.95
C LYS A 149 -0.82 -15.91 15.35
N ARG A 150 -0.30 -14.71 15.63
CA ARG A 150 -0.53 -14.07 16.92
C ARG A 150 -1.97 -13.61 17.09
N LEU A 151 -2.54 -12.98 16.07
CA LEU A 151 -3.95 -12.57 16.14
C LEU A 151 -4.90 -13.77 16.31
N LYS A 152 -4.59 -14.89 15.68
CA LYS A 152 -5.46 -16.06 15.76
C LYS A 152 -5.44 -16.73 17.14
N ALA A 153 -4.36 -16.54 17.90
CA ALA A 153 -4.35 -16.96 19.30
C ALA A 153 -5.42 -16.23 20.11
N TYR A 154 -5.91 -15.10 19.60
CA TYR A 154 -6.97 -14.35 20.25
C TYR A 154 -8.34 -14.48 19.57
N GLY A 155 -8.45 -15.37 18.58
CA GLY A 155 -9.69 -15.55 17.81
C GLY A 155 -10.14 -14.33 17.01
N VAL A 156 -9.18 -13.51 16.59
CA VAL A 156 -9.48 -12.27 15.87
C VAL A 156 -9.78 -12.57 14.40
N LYS A 157 -10.81 -11.92 13.86
CA LYS A 157 -11.11 -12.02 12.44
C LYS A 157 -10.40 -10.93 11.66
N ILE A 158 -10.00 -11.28 10.44
CA ILE A 158 -9.05 -10.49 9.68
C ILE A 158 -9.53 -10.33 8.24
N VAL A 159 -9.63 -9.07 7.79
CA VAL A 159 -9.90 -8.74 6.39
C VAL A 159 -8.63 -8.15 5.78
N VAL A 160 -8.25 -8.67 4.61
CA VAL A 160 -7.13 -8.11 3.86
C VAL A 160 -7.58 -7.57 2.51
N ILE A 161 -7.21 -6.32 2.23
CA ILE A 161 -7.42 -5.67 0.94
C ILE A 161 -6.05 -5.19 0.43
N ASP A 162 -5.47 -5.93 -0.50
CA ASP A 162 -4.11 -5.69 -0.94
C ASP A 162 -3.98 -6.02 -2.44
N HIS A 163 -2.88 -5.59 -3.06
CA HIS A 163 -2.62 -5.87 -4.48
C HIS A 163 -1.18 -6.29 -4.77
N HIS A 164 -0.47 -6.70 -3.73
CA HIS A 164 0.84 -7.32 -3.88
C HIS A 164 0.68 -8.81 -4.08
N ASP A 165 1.67 -9.41 -4.73
CA ASP A 165 1.64 -10.83 -5.06
C ASP A 165 1.81 -11.70 -3.81
N PRO A 166 0.81 -12.55 -3.49
CA PRO A 166 1.00 -13.46 -2.36
C PRO A 166 2.14 -14.46 -2.55
N ARG A 167 2.53 -14.69 -3.81
CA ARG A 167 3.67 -15.54 -4.17
C ARG A 167 3.50 -17.04 -3.94
N ASP A 168 3.29 -17.46 -2.68
CA ASP A 168 3.24 -18.87 -2.33
C ASP A 168 1.85 -19.46 -2.58
N TRP A 169 1.61 -19.88 -3.82
CA TRP A 169 0.29 -20.40 -4.19
C TRP A 169 0.16 -21.87 -3.80
N ILE A 170 -0.97 -22.22 -3.20
CA ILE A 170 -1.27 -23.62 -2.85
C ILE A 170 -2.29 -24.22 -3.81
N SER A 171 -3.07 -23.38 -4.48
CA SER A 171 -3.91 -23.80 -5.58
C SER A 171 -4.04 -22.65 -6.59
N GLU A 172 -4.93 -22.79 -7.56
CA GLU A 172 -5.09 -21.80 -8.62
C GLU A 172 -5.51 -20.43 -8.08
N ASP A 173 -6.44 -20.41 -7.13
CA ASP A 173 -6.91 -19.15 -6.55
C ASP A 173 -6.77 -19.10 -5.03
N LYS A 174 -5.77 -19.80 -4.47
CA LYS A 174 -5.51 -19.76 -3.04
C LYS A 174 -4.02 -19.77 -2.73
N ALA A 175 -3.61 -18.84 -1.86
CA ALA A 175 -2.23 -18.73 -1.43
C ALA A 175 -2.09 -19.14 0.03
N LYS A 176 -0.85 -19.36 0.44
CA LYS A 176 -0.54 -19.77 1.80
C LYS A 176 -1.14 -18.82 2.85
N VAL A 177 -0.98 -17.51 2.63
CA VAL A 177 -1.48 -16.52 3.57
C VAL A 177 -3.00 -16.60 3.78
N ASP A 178 -3.72 -17.09 2.77
CA ASP A 178 -5.19 -17.14 2.84
C ASP A 178 -5.73 -18.04 3.95
N GLU A 179 -4.95 -19.04 4.35
CA GLU A 179 -5.35 -19.91 5.47
C GLU A 179 -5.38 -19.19 6.81
N TYR A 180 -4.73 -18.03 6.90
CA TYR A 180 -4.66 -17.30 8.17
C TYR A 180 -5.58 -16.08 8.23
N VAL A 181 -6.30 -15.79 7.15
CA VAL A 181 -7.22 -14.65 7.13
C VAL A 181 -8.60 -15.07 6.63
N ASP A 182 -9.61 -14.30 6.99
CA ASP A 182 -11.01 -14.66 6.73
C ASP A 182 -11.52 -14.23 5.36
N VAL A 183 -11.06 -13.10 4.87
CA VAL A 183 -11.29 -12.73 3.47
C VAL A 183 -10.13 -11.90 2.95
N HIS A 184 -9.66 -12.26 1.77
CA HIS A 184 -8.53 -11.62 1.12
C HIS A 184 -8.97 -11.10 -0.24
N VAL A 185 -9.09 -9.77 -0.35
CA VAL A 185 -9.43 -9.10 -1.60
C VAL A 185 -8.12 -8.69 -2.26
N ASN A 186 -7.80 -9.33 -3.38
CA ASN A 186 -6.54 -9.12 -4.08
C ASN A 186 -6.67 -9.55 -5.56
N PRO A 187 -6.39 -8.63 -6.50
CA PRO A 187 -6.50 -8.94 -7.93
C PRO A 187 -5.67 -10.14 -8.40
N HIS A 188 -4.57 -10.43 -7.71
CA HIS A 188 -3.69 -11.54 -8.07
C HIS A 188 -4.38 -12.91 -8.01
N HIS A 189 -5.46 -13.04 -7.24
CA HIS A 189 -6.21 -14.29 -7.16
C HIS A 189 -6.95 -14.61 -8.45
N VAL A 190 -7.45 -13.57 -9.12
CA VAL A 190 -8.25 -13.74 -10.33
C VAL A 190 -7.47 -13.44 -11.60
N LYS A 191 -6.32 -12.79 -11.46
CA LYS A 191 -5.46 -12.45 -12.59
C LYS A 191 -4.06 -12.22 -12.08
N ARG A 192 -3.21 -13.23 -12.17
CA ARG A 192 -1.85 -13.14 -11.66
C ARG A 192 -1.12 -11.97 -12.27
N GLY A 193 -0.35 -11.26 -11.46
CA GLY A 193 0.46 -10.15 -11.93
C GLY A 193 -0.26 -8.82 -12.06
N TYR A 194 -1.56 -8.77 -11.81
CA TYR A 194 -2.32 -7.52 -12.01
C TYR A 194 -2.21 -6.54 -10.81
N TYR A 195 -0.97 -6.16 -10.52
CA TYR A 195 -0.63 -5.18 -9.48
C TYR A 195 -1.28 -3.81 -9.70
N GLU A 196 -1.58 -3.49 -10.96
CA GLU A 196 -1.99 -2.15 -11.32
C GLU A 196 -3.39 -1.78 -10.86
N LEU A 197 -4.16 -2.75 -10.39
CA LEU A 197 -5.40 -2.44 -9.66
C LEU A 197 -5.03 -2.28 -8.18
N THR A 198 -4.92 -1.04 -7.75
CA THR A 198 -4.24 -0.71 -6.47
C THR A 198 -5.19 -0.72 -5.27
N ALA A 199 -4.61 -0.65 -4.08
CA ALA A 199 -5.38 -0.78 -2.84
C ALA A 199 -6.44 0.30 -2.70
N GLY A 200 -6.11 1.51 -3.12
CA GLY A 200 -7.05 2.63 -3.06
C GLY A 200 -8.23 2.45 -4.00
N LEU A 202 -9.34 -0.69 -4.99
CA LEU A 202 -10.08 -1.77 -4.30
C LEU A 202 -10.85 -1.27 -3.08
N ALA A 203 -10.17 -0.47 -2.26
CA ALA A 203 -10.73 -0.03 -0.98
C ALA A 203 -11.88 0.92 -1.18
N THR A 204 -11.78 1.77 -2.20
CA THR A 204 -12.88 2.67 -2.52
C THR A 204 -14.13 1.87 -2.93
N GLU A 205 -13.95 0.82 -3.73
CA GLU A 205 -15.09 -0.02 -4.12
C GLU A 205 -15.66 -0.74 -2.89
N VAL A 206 -14.78 -1.33 -2.06
CA VAL A 206 -15.27 -1.94 -0.81
C VAL A 206 -16.04 -0.92 0.00
N ALA A 207 -15.51 0.29 0.11
CA ALA A 207 -16.17 1.35 0.88
C ALA A 207 -17.58 1.65 0.37
N ARG A 208 -17.76 1.61 -0.95
CA ARG A 208 -19.08 1.83 -1.54
C ARG A 208 -20.08 0.74 -1.13
N TYR A 209 -19.62 -0.51 -1.04
CA TYR A 209 -20.45 -1.59 -0.53
C TYR A 209 -20.74 -1.46 0.97
N ILE A 210 -19.77 -0.96 1.73
CA ILE A 210 -19.98 -0.74 3.16
C ILE A 210 -21.05 0.32 3.36
N ASN A 211 -20.93 1.43 2.63
CA ASN A 211 -21.82 2.57 2.81
C ASN A 211 -22.06 3.33 1.50
N PRO A 212 -23.05 2.89 0.71
CA PRO A 212 -23.29 3.54 -0.59
C PRO A 212 -23.47 5.06 -0.55
N GLU A 213 -23.89 5.63 0.58
CA GLU A 213 -24.09 7.07 0.69
C GLU A 213 -22.83 7.92 0.54
N VAL A 214 -21.63 7.36 0.74
CA VAL A 214 -20.40 8.16 0.64
C VAL A 214 -19.78 8.17 -0.75
N GLU A 215 -20.44 7.50 -1.71
CA GLU A 215 -19.93 7.36 -3.07
C GLU A 215 -19.45 8.68 -3.68
N ASP A 216 -20.29 9.70 -3.64
CA ASP A 216 -19.97 10.96 -4.31
C ASP A 216 -18.78 11.66 -3.66
N ARG A 217 -18.66 11.51 -2.34
CA ARG A 217 -17.55 12.09 -1.60
C ARG A 217 -16.21 11.46 -1.94
N ILE A 218 -16.18 10.14 -2.16
CA ILE A 218 -14.91 9.42 -2.33
C ILE A 218 -14.60 8.89 -3.73
N LYS A 219 -15.49 9.06 -4.68
CA LYS A 219 -15.31 8.41 -6.00
C LYS A 219 -14.10 8.90 -6.79
N HIS A 220 -13.52 10.04 -6.41
CA HIS A 220 -12.26 10.53 -6.97
C HIS A 220 -10.98 9.98 -6.31
N LEU A 221 -11.11 9.28 -5.19
CA LEU A 221 -9.94 8.77 -4.44
C LEU A 221 -9.11 7.79 -5.24
N PRO A 222 -9.77 6.89 -6.00
CA PRO A 222 -8.99 5.96 -6.83
C PRO A 222 -8.01 6.61 -7.81
N ALA A 223 -8.35 7.77 -8.33
CA ALA A 223 -7.44 8.53 -9.20
C ALA A 223 -6.20 8.99 -8.45
N ILE A 224 -6.38 9.44 -7.21
CA ILE A 224 -5.24 9.84 -6.37
C ILE A 224 -4.36 8.62 -6.06
N ALA A 225 -4.98 7.52 -5.63
CA ALA A 225 -4.27 6.30 -5.28
C ALA A 225 -3.46 5.75 -6.44
N GLY A 226 -4.10 5.67 -7.63
CA GLY A 226 -3.43 5.20 -8.85
C GLY A 226 -2.29 6.09 -9.29
N THR A 227 -2.43 7.40 -9.07
CA THR A 227 -1.34 8.33 -9.34
C THR A 227 -0.16 8.04 -8.41
N GLY A 228 -0.45 7.89 -7.12
CA GLY A 228 0.59 7.54 -6.15
C GLY A 228 1.37 6.30 -6.52
N ASP A 229 0.66 5.23 -6.89
CA ASP A 229 1.29 3.95 -7.25
C ASP A 229 1.67 3.83 -8.73
N ARG A 230 1.43 4.88 -9.52
CA ARG A 230 1.80 4.90 -10.94
C ARG A 230 1.18 3.75 -11.72
N SER A 231 -0.10 3.54 -11.51
CA SER A 231 -0.86 2.52 -12.23
C SER A 231 -1.05 2.93 -13.69
N LYS A 232 -0.87 1.97 -14.59
CA LYS A 232 -1.25 2.12 -16.00
C LYS A 232 -2.42 1.20 -16.37
N ALA A 233 -3.29 0.91 -15.40
CA ALA A 233 -4.42 0.00 -15.64
C ALA A 233 -5.54 0.69 -16.42
N PRO A 234 -6.22 -0.05 -17.31
CA PRO A 234 -7.43 0.48 -17.95
C PRO A 234 -8.46 1.01 -16.95
N GLU A 235 -8.56 0.37 -15.79
CA GLU A 235 -9.41 0.87 -14.71
C GLU A 235 -9.01 2.27 -14.27
N PHE A 236 -7.70 2.53 -14.24
CA PHE A 236 -7.18 3.82 -13.74
C PHE A 236 -7.65 4.95 -14.64
N TYR A 237 -7.55 4.71 -15.95
CA TYR A 237 -7.88 5.75 -16.91
C TYR A 237 -9.36 6.09 -16.88
N GLN A 238 -10.20 5.13 -16.48
CA GLN A 238 -11.60 5.43 -16.17
C GLN A 238 -11.74 6.20 -14.86
N TYR A 239 -11.04 5.74 -13.81
CA TYR A 239 -11.12 6.38 -12.49
C TYR A 239 -10.76 7.87 -12.58
N LEU A 240 -9.80 8.21 -13.43
CA LEU A 240 -9.39 9.61 -13.63
C LEU A 240 -10.53 10.58 -13.97
N GLU A 241 -11.54 10.08 -14.66
CA GLU A 241 -12.68 10.92 -15.06
C GLU A 241 -13.44 11.48 -13.85
N TYR A 242 -13.50 10.72 -12.75
CA TYR A 242 -14.16 11.22 -11.54
C TYR A 242 -13.39 12.35 -10.87
N ALA A 243 -12.06 12.33 -11.01
CA ALA A 243 -11.23 13.40 -10.49
C ALA A 243 -11.43 14.65 -11.35
N LYS A 244 -11.46 14.46 -12.67
CA LYS A 244 -11.70 15.58 -13.58
C LYS A 244 -13.00 16.33 -13.28
N GLU A 245 -14.07 15.60 -13.01
CA GLU A 245 -15.36 16.19 -12.63
C GLU A 245 -15.23 17.13 -11.44
N LYS A 246 -14.31 16.85 -10.52
CA LYS A 246 -14.09 17.71 -9.35
C LYS A 246 -13.00 18.76 -9.55
N GLY A 247 -12.48 18.90 -10.78
CA GLY A 247 -11.52 19.93 -11.11
C GLY A 247 -10.07 19.53 -10.90
N LEU A 248 -9.83 18.24 -10.71
CA LEU A 248 -8.46 17.75 -10.52
C LEU A 248 -7.96 17.14 -11.81
N ASP A 249 -6.98 17.79 -12.44
CA ASP A 249 -6.34 17.21 -13.61
C ASP A 249 -5.18 16.34 -13.16
N GLU A 250 -4.43 15.82 -14.12
CA GLU A 250 -3.39 14.84 -13.82
C GLU A 250 -2.21 15.45 -13.07
N GLU A 251 -1.94 16.74 -13.30
CA GLU A 251 -0.87 17.42 -12.59
C GLU A 251 -1.28 17.73 -11.17
N ASP A 252 -2.54 18.08 -10.97
CA ASP A 252 -3.09 18.25 -9.61
C ASP A 252 -2.91 16.97 -8.80
N LEU A 253 -3.24 15.84 -9.42
CA LEU A 253 -3.18 14.55 -8.76
C LEU A 253 -1.74 14.23 -8.36
N LYS A 254 -0.80 14.49 -9.25
CA LYS A 254 0.62 14.27 -8.95
C LYS A 254 1.13 15.11 -7.77
N LYS A 255 0.68 16.37 -7.71
CA LYS A 255 1.04 17.26 -6.61
C LYS A 255 0.49 16.75 -5.30
N ILE A 256 -0.78 16.34 -5.32
CA ILE A 256 -1.44 15.74 -4.15
C ILE A 256 -0.66 14.51 -3.66
N ALA A 257 -0.31 13.60 -4.57
CA ALA A 257 0.44 12.41 -4.18
C ALA A 257 1.81 12.79 -3.56
N GLU A 258 2.49 13.74 -4.17
CA GLU A 258 3.81 14.16 -3.68
C GLU A 258 3.69 14.81 -2.31
N VAL A 259 2.63 15.60 -2.11
CA VAL A 259 2.37 16.22 -0.83
C VAL A 259 2.09 15.17 0.26
N ILE A 260 1.28 14.17 -0.04
CA ILE A 260 0.96 13.13 0.94
C ILE A 260 2.23 12.38 1.40
N ASP A 261 3.03 11.95 0.43
CA ASP A 261 4.26 11.19 0.73
C ASP A 261 5.27 12.03 1.53
N HIS A 262 5.29 13.34 1.30
CA HIS A 262 6.16 14.26 2.01
C HIS A 262 5.67 14.44 3.45
N GLU A 263 4.43 14.89 3.60
CA GLU A 263 3.87 15.07 4.94
C GLU A 263 3.91 13.79 5.78
N ALA A 264 3.59 12.65 5.17
CA ALA A 264 3.56 11.38 5.92
C ALA A 264 4.95 10.95 6.40
N PHE A 265 5.98 11.33 5.67
CA PHE A 265 7.36 11.13 6.11
C PHE A 265 7.61 11.82 7.46
N TYR A 266 7.07 13.03 7.62
CA TYR A 266 7.31 13.81 8.82
C TYR A 266 6.37 13.48 10.00
N TRP A 267 5.12 13.09 9.72
CA TRP A 267 4.25 12.74 10.84
C TRP A 267 4.39 11.27 11.26
N LYS A 268 5.11 10.47 10.47
CA LYS A 268 5.59 9.13 10.87
C LYS A 268 4.49 8.14 11.33
N PHE A 269 4.41 7.86 12.63
CA PHE A 269 3.48 6.84 13.14
C PHE A 269 2.09 7.43 13.38
N ASP A 271 -1.40 9.38 12.22
CA ASP A 271 -2.25 8.98 11.10
C ASP A 271 -2.73 10.13 10.22
N GLY A 272 -2.36 11.35 10.58
CA GLY A 272 -2.67 12.53 9.76
C GLY A 272 -4.10 13.01 9.80
N ARG A 273 -4.92 12.46 10.70
CA ARG A 273 -6.32 12.88 10.81
C ARG A 273 -6.40 14.37 11.08
N GLY A 274 -7.26 15.05 10.31
CA GLY A 274 -7.41 16.50 10.37
C GLY A 274 -6.63 17.17 9.26
N ILE A 275 -5.70 16.44 8.65
CA ILE A 275 -4.88 16.95 7.55
C ILE A 275 -5.09 16.14 6.27
N ILE A 276 -4.95 14.82 6.36
CA ILE A 276 -5.02 13.95 5.19
C ILE A 276 -6.36 14.10 4.43
N GLU A 277 -7.47 14.24 5.16
CA GLU A 277 -8.79 14.40 4.54
C GLU A 277 -8.87 15.66 3.68
N GLU A 278 -8.19 16.72 4.12
CA GLU A 278 -8.17 17.99 3.41
C GLU A 278 -7.35 17.87 2.14
N ILE A 279 -6.20 17.21 2.25
CA ILE A 279 -5.34 16.99 1.10
C ILE A 279 -6.04 16.12 0.05
N LEU A 280 -6.80 15.13 0.50
CA LEU A 280 -7.49 14.19 -0.39
C LEU A 280 -8.81 14.74 -0.96
N LEU A 281 -9.20 15.94 -0.53
CA LEU A 281 -10.38 16.65 -1.00
C LEU A 281 -11.66 15.89 -0.68
N ILE A 282 -11.84 15.46 0.57
CA ILE A 282 -13.09 14.78 0.94
C ILE A 282 -13.92 15.56 1.93
N THR A 283 -13.48 16.75 2.30
CA THR A 283 -14.28 17.67 3.07
C THR A 283 -14.79 18.75 2.10
N GLY A 284 -15.76 19.52 2.55
CA GLY A 284 -16.20 20.65 1.75
C GLY A 284 -15.30 21.86 1.84
N ASN A 285 -14.18 21.76 2.55
CA ASN A 285 -13.32 22.92 2.77
C ASN A 285 -12.27 23.09 1.67
N LEU A 286 -12.72 23.58 0.52
CA LEU A 286 -11.85 23.74 -0.65
C LEU A 286 -10.66 24.67 -0.41
N GLN A 287 -10.88 25.72 0.38
CA GLN A 287 -9.85 26.70 0.67
C GLN A 287 -8.67 26.08 1.45
N ARG A 288 -8.98 25.30 2.48
CA ARG A 288 -7.91 24.62 3.24
C ARG A 288 -7.15 23.62 2.37
N HIS A 289 -7.86 22.90 1.51
CA HIS A 289 -7.20 21.98 0.58
C HIS A 289 -6.20 22.75 -0.27
N ARG A 290 -6.65 23.87 -0.84
CA ARG A 290 -5.79 24.69 -1.69
C ARG A 290 -4.60 25.25 -0.95
N LEU A 292 -3.13 24.11 1.75
CA LEU A 292 -2.19 23.02 2.02
C LEU A 292 -1.41 22.59 0.78
N VAL A 293 -2.10 22.24 -0.30
CA VAL A 293 -1.42 21.73 -1.49
C VAL A 293 -0.55 22.81 -2.16
N GLU A 294 -1.06 24.03 -2.26
CA GLU A 294 -0.31 25.14 -2.87
C GLU A 294 0.77 25.67 -1.94
N GLY A 295 0.58 25.54 -0.64
CA GLY A 295 1.62 25.89 0.32
C GLY A 295 2.75 24.87 0.35
N ILE A 296 2.40 23.58 0.30
CA ILE A 296 3.37 22.52 0.55
C ILE A 296 4.10 22.08 -0.73
N TYR A 297 3.37 21.94 -1.83
CA TYR A 297 3.97 21.36 -3.04
C TYR A 297 5.26 22.07 -3.53
N PRO A 298 5.27 23.42 -3.60
CA PRO A 298 6.52 24.11 -4.02
C PRO A 298 7.73 23.76 -3.15
N GLU A 299 7.50 23.65 -1.86
CA GLU A 299 8.51 23.25 -0.89
C GLU A 299 9.01 21.84 -1.20
N VAL A 300 8.09 20.93 -1.50
CA VAL A 300 8.45 19.56 -1.87
C VAL A 300 9.26 19.52 -3.16
N LYS A 301 8.80 20.27 -4.16
CA LYS A 301 9.47 20.34 -5.44
C LYS A 301 10.88 20.89 -5.30
N GLU A 302 11.03 21.92 -4.48
CA GLU A 302 12.35 22.52 -4.30
C GLU A 302 13.32 21.56 -3.61
N LYS A 303 12.84 20.83 -2.60
CA LYS A 303 13.70 19.83 -1.95
C LYS A 303 14.18 18.77 -2.92
N GLN A 304 13.27 18.27 -3.75
CA GLN A 304 13.65 17.24 -4.73
C GLN A 304 14.67 17.76 -5.73
N GLU A 305 14.45 18.98 -6.26
CA GLU A 305 15.40 19.57 -7.21
C GLU A 305 16.77 19.82 -6.61
N LYS A 306 16.78 20.33 -5.37
CA LYS A 306 18.03 20.59 -4.65
C LYS A 306 18.81 19.31 -4.45
N VAL A 307 18.15 18.28 -3.93
CA VAL A 307 18.84 17.02 -3.62
C VAL A 307 19.31 16.37 -4.92
N LEU A 308 18.48 16.38 -5.95
CA LEU A 308 18.86 15.82 -7.23
C LEU A 308 20.10 16.51 -7.81
N LYS A 309 20.10 17.84 -7.81
CA LYS A 309 21.25 18.60 -8.30
C LYS A 309 22.55 18.26 -7.58
N ALA A 310 22.49 18.05 -6.27
CA ALA A 310 23.67 17.75 -5.46
C ALA A 310 24.15 16.30 -5.62
N VAL A 311 23.21 15.37 -5.84
CA VAL A 311 23.52 13.94 -5.83
C VAL A 311 23.90 13.39 -7.22
N LEU A 312 23.27 13.93 -8.25
CA LEU A 312 23.46 13.47 -9.64
C LEU A 312 24.91 13.37 -10.10
N PRO A 313 25.77 14.34 -9.75
CA PRO A 313 27.18 14.21 -10.14
C PRO A 313 27.88 12.97 -9.59
N HIS A 314 27.31 12.33 -8.57
CA HIS A 314 27.90 11.12 -8.00
C HIS A 314 27.28 9.83 -8.54
N VAL A 315 26.30 9.94 -9.42
CA VAL A 315 25.70 8.75 -10.02
C VAL A 315 26.58 8.30 -11.18
N LYS A 316 27.09 7.06 -11.13
CA LYS A 316 27.77 6.44 -12.25
C LYS A 316 26.72 5.80 -13.15
N SER A 317 26.77 6.13 -14.45
CA SER A 317 25.85 5.56 -15.46
C SER A 317 26.67 4.98 -16.59
N VAL A 318 26.57 3.66 -16.81
CA VAL A 318 27.26 3.01 -17.90
C VAL A 318 26.28 2.21 -18.76
N VAL A 319 26.49 2.24 -20.06
CA VAL A 319 25.75 1.40 -20.97
C VAL A 319 26.55 0.11 -21.14
N LEU A 320 25.94 -1.00 -20.76
CA LEU A 320 26.61 -2.29 -20.80
C LEU A 320 26.56 -2.84 -22.23
N PRO A 321 27.44 -3.83 -22.55
CA PRO A 321 27.45 -4.44 -23.88
C PRO A 321 26.08 -4.87 -24.40
N ASN A 322 25.23 -5.38 -23.52
CA ASN A 322 23.89 -5.82 -23.94
C ASN A 322 22.88 -4.68 -24.18
N GLY A 323 23.29 -3.44 -23.94
CA GLY A 323 22.44 -2.29 -24.15
C GLY A 323 21.79 -1.72 -22.90
N ILE A 324 21.96 -2.38 -21.76
CA ILE A 324 21.37 -1.91 -20.53
C ILE A 324 22.11 -0.70 -19.99
N ARG A 325 21.36 0.33 -19.60
CA ARG A 325 21.94 1.47 -18.89
C ARG A 325 21.84 1.19 -17.39
N PHE A 326 23.00 0.98 -16.77
CA PHE A 326 23.10 0.61 -15.35
C PHE A 326 23.63 1.81 -14.54
N ASN A 327 22.80 2.32 -13.63
CA ASN A 327 23.16 3.47 -12.79
C ASN A 327 23.41 3.02 -11.36
N THR A 328 24.49 3.52 -10.75
CA THR A 328 24.77 3.20 -9.35
C THR A 328 25.04 4.48 -8.57
N ILE A 329 24.57 4.50 -7.33
CA ILE A 329 24.75 5.64 -6.44
C ILE A 329 24.85 5.17 -4.99
N ASP A 330 25.90 5.62 -4.33
CA ASP A 330 26.13 5.35 -2.92
C ASP A 330 25.37 6.40 -2.11
N VAL A 331 24.17 6.04 -1.65
CA VAL A 331 23.34 6.96 -0.91
C VAL A 331 23.69 7.08 0.58
N GLU A 332 24.69 6.35 1.06
CA GLU A 332 25.26 6.63 2.38
C GLU A 332 26.26 7.77 2.28
N LEU A 333 27.19 7.70 1.31
CA LEU A 333 28.21 8.73 1.15
C LEU A 333 27.72 10.04 0.53
N TYR A 334 26.74 9.96 -0.38
CA TYR A 334 26.36 11.12 -1.20
C TYR A 334 24.87 11.40 -1.14
N ALA A 335 24.31 11.38 0.04
CA ALA A 335 22.93 11.79 0.23
C ALA A 335 22.77 12.23 1.68
N PRO A 336 21.78 13.08 1.97
CA PRO A 336 21.59 13.55 3.34
C PRO A 336 20.92 12.48 4.20
N LYS A 337 21.62 11.96 5.19
CA LYS A 337 21.06 10.90 6.02
C LYS A 337 19.95 11.44 6.93
N PHE A 338 18.91 10.63 7.10
CA PHE A 338 17.76 10.91 7.97
C PHE A 338 16.84 12.04 7.52
N GLU A 339 17.05 12.61 6.35
CA GLU A 339 16.22 13.72 5.88
C GLU A 339 15.36 13.28 4.72
N TYR A 340 14.29 14.02 4.45
CA TYR A 340 13.55 13.85 3.22
C TYR A 340 14.47 14.25 2.07
N PRO A 341 14.59 13.43 1.03
CA PRO A 341 13.91 12.16 0.79
C PRO A 341 14.67 10.94 1.31
N SER A 342 13.94 9.94 1.81
CA SER A 342 14.52 8.64 2.17
C SER A 342 15.27 8.02 0.98
N PRO A 343 16.16 7.04 1.25
CA PRO A 343 16.85 6.33 0.17
C PRO A 343 15.92 5.76 -0.90
N GLY A 344 14.81 5.17 -0.49
CA GLY A 344 13.83 4.65 -1.45
C GLY A 344 13.29 5.73 -2.37
N LYS A 345 12.89 6.84 -1.80
CA LYS A 345 12.34 7.97 -2.55
C LYS A 345 13.40 8.63 -3.41
N LEU A 346 14.60 8.77 -2.86
CA LEU A 346 15.73 9.34 -3.60
C LEU A 346 16.06 8.52 -4.84
N SER A 347 16.12 7.19 -4.68
CA SER A 347 16.39 6.31 -5.81
C SER A 347 15.34 6.49 -6.92
N GLY A 348 14.09 6.72 -6.52
CA GLY A 348 13.02 6.98 -7.46
C GLY A 348 13.20 8.28 -8.23
N ILE A 349 13.66 9.31 -7.52
CA ILE A 349 13.88 10.63 -8.10
C ILE A 349 15.03 10.57 -9.11
N ILE A 350 16.10 9.84 -8.76
CA ILE A 350 17.22 9.65 -9.67
C ILE A 350 16.78 8.82 -10.88
N HIS A 351 16.06 7.74 -10.60
CA HIS A 351 15.58 6.85 -11.65
C HIS A 351 14.68 7.60 -12.65
N ASP A 352 13.73 8.37 -12.12
CA ASP A 352 12.84 9.19 -12.95
C ASP A 352 13.61 10.15 -13.84
N HIS A 353 14.68 10.72 -13.31
CA HIS A 353 15.49 11.65 -14.09
C HIS A 353 16.09 10.94 -15.29
N PHE A 354 16.58 9.72 -15.08
CA PHE A 354 17.18 8.96 -16.17
C PHE A 354 16.11 8.51 -17.17
N LYS A 355 14.89 8.25 -16.70
CA LYS A 355 13.76 7.92 -17.57
C LYS A 355 13.32 9.10 -18.43
N GLU A 356 13.24 10.28 -17.84
CA GLU A 356 12.93 11.52 -18.57
C GLU A 356 13.97 11.78 -19.66
N GLN A 357 15.24 11.56 -19.35
CA GLN A 357 16.30 11.83 -20.32
C GLN A 357 16.40 10.81 -21.45
N TYR A 358 16.25 9.53 -21.14
CA TYR A 358 16.48 8.45 -22.11
C TYR A 358 15.23 7.68 -22.52
N GLY A 359 14.12 7.87 -21.80
CA GLY A 359 12.87 7.18 -22.10
C GLY A 359 12.61 5.99 -21.19
N GLU A 360 11.35 5.86 -20.76
CA GLU A 360 10.87 4.72 -19.95
C GLU A 360 11.08 3.38 -20.65
N ASP A 361 11.01 3.37 -21.97
CA ASP A 361 11.13 2.11 -22.70
C ASP A 361 12.57 1.74 -22.99
N SER A 362 13.51 2.66 -22.76
CA SER A 362 14.92 2.29 -22.80
C SER A 362 15.20 1.41 -21.56
N PRO A 363 16.12 0.44 -21.67
CA PRO A 363 16.44 -0.44 -20.54
C PRO A 363 17.30 0.25 -19.49
N ILE A 364 16.68 0.66 -18.39
CA ILE A 364 17.37 1.41 -17.32
C ILE A 364 17.25 0.69 -16.00
N LEU A 365 18.40 0.46 -15.37
CA LEU A 365 18.47 -0.16 -14.05
C LEU A 365 19.23 0.74 -13.10
N THR A 366 18.55 1.19 -12.06
CA THR A 366 19.13 2.09 -11.07
C THR A 366 19.31 1.37 -9.75
N LEU A 367 20.55 1.33 -9.29
CA LEU A 367 20.89 0.65 -8.04
C LEU A 367 21.42 1.68 -7.04
N ALA A 368 20.66 1.92 -5.98
CA ALA A 368 21.06 2.86 -4.93
C ALA A 368 21.39 2.09 -3.67
N TYR A 369 22.63 2.19 -3.19
CA TYR A 369 23.07 1.34 -2.07
C TYR A 369 23.61 2.12 -0.86
N GLY A 370 23.40 1.52 0.30
CA GLY A 370 24.03 1.97 1.56
C GLY A 370 25.01 0.93 2.05
N PRO A 371 25.36 0.98 3.36
CA PRO A 371 26.29 -0.01 3.93
C PRO A 371 25.80 -1.45 3.79
N ASP A 372 24.51 -1.65 4.01
CA ASP A 372 23.93 -3.00 4.15
C ASP A 372 22.58 -3.18 3.43
N PHE A 373 22.30 -2.34 2.43
CA PHE A 373 21.08 -2.47 1.65
C PHE A 373 21.30 -1.90 0.27
N ALA A 374 20.39 -2.20 -0.63
CA ALA A 374 20.36 -1.59 -1.95
C ALA A 374 18.92 -1.51 -2.39
N VAL A 375 18.55 -0.40 -3.01
CA VAL A 375 17.25 -0.25 -3.64
C VAL A 375 17.45 -0.35 -5.14
N VAL A 376 16.59 -1.13 -5.80
CA VAL A 376 16.72 -1.43 -7.21
C VAL A 376 15.46 -0.97 -7.95
N ARG A 377 15.66 -0.24 -9.04
CA ARG A 377 14.55 0.18 -9.90
C ARG A 377 14.87 -0.10 -11.35
N ALA A 378 13.93 -0.76 -12.02
CA ALA A 378 14.06 -1.18 -13.41
C ALA A 378 12.96 -0.52 -14.24
N SER A 379 13.33 0.16 -15.31
CA SER A 379 12.33 0.70 -16.25
C SER A 379 11.62 -0.42 -17.00
N ASP A 380 10.48 -0.09 -17.60
CA ASP A 380 9.72 -1.05 -18.42
C ASP A 380 10.58 -1.69 -19.47
N GLY A 381 11.50 -0.92 -20.04
CA GLY A 381 12.48 -1.44 -21.00
C GLY A 381 13.27 -2.66 -20.56
N ALA A 383 12.11 -5.21 -19.12
CA ALA A 383 11.32 -6.41 -19.45
C ALA A 383 11.86 -7.12 -20.70
N LYS A 384 12.40 -6.36 -21.66
CA LYS A 384 12.99 -6.90 -22.89
C LYS A 384 14.20 -7.81 -22.63
N TYR A 385 14.72 -7.77 -21.41
CA TYR A 385 15.86 -8.59 -21.03
C TYR A 385 15.49 -9.63 -19.98
N ASN A 386 14.20 -9.79 -19.70
CA ASN A 386 13.70 -10.70 -18.67
C ASN A 386 14.35 -10.46 -17.29
N PHE A 387 14.48 -9.20 -16.93
CA PHE A 387 15.00 -8.85 -15.62
C PHE A 387 13.99 -9.28 -14.56
N ASP A 388 14.45 -10.04 -13.58
CA ASP A 388 13.59 -10.42 -12.46
C ASP A 388 14.43 -10.34 -11.19
N LEU A 389 14.10 -9.36 -10.34
CA LEU A 389 14.86 -9.10 -9.14
C LEU A 389 14.79 -10.28 -8.16
N ASN A 390 13.62 -10.89 -8.01
CA ASN A 390 13.45 -12.04 -7.11
C ASN A 390 14.33 -13.22 -7.51
N LYS A 391 14.42 -13.48 -8.81
CA LYS A 391 15.32 -14.52 -9.32
C LYS A 391 16.78 -14.18 -9.06
N ILE A 392 17.14 -12.91 -9.26
CA ILE A 392 18.52 -12.49 -9.06
C ILE A 392 18.91 -12.60 -7.59
N VAL A 393 17.99 -12.24 -6.70
CA VAL A 393 18.24 -12.34 -5.25
C VAL A 393 18.46 -13.79 -4.81
N LYS A 394 17.63 -14.71 -5.31
CA LYS A 394 17.81 -16.13 -5.05
C LYS A 394 19.19 -16.59 -5.55
N ILE A 395 19.55 -16.17 -6.76
CA ILE A 395 20.88 -16.50 -7.30
C ILE A 395 21.98 -15.98 -6.35
N LEU A 396 21.87 -14.73 -5.92
CA LEU A 396 22.92 -14.13 -5.07
C LEU A 396 23.05 -14.88 -3.74
N ALA A 397 21.92 -15.23 -3.12
CA ALA A 397 21.91 -15.97 -1.86
C ALA A 397 22.62 -17.32 -1.97
N GLU A 398 22.40 -18.01 -3.09
CA GLU A 398 23.03 -19.30 -3.33
C GLU A 398 24.53 -19.18 -3.61
N LYS A 399 24.93 -18.15 -4.36
CA LYS A 399 26.36 -17.92 -4.65
C LYS A 399 27.13 -17.40 -3.44
N LEU A 400 26.45 -16.76 -2.50
CA LEU A 400 27.10 -16.08 -1.38
C LEU A 400 26.31 -16.39 -0.11
N PRO A 401 26.34 -17.65 0.34
CA PRO A 401 25.52 -18.08 1.47
C PRO A 401 25.89 -17.40 2.80
N ASP A 402 27.13 -16.94 2.92
CA ASP A 402 27.60 -16.23 4.12
C ASP A 402 27.37 -14.71 4.10
N ALA A 403 26.70 -14.18 3.07
CA ALA A 403 26.56 -12.72 2.96
C ALA A 403 25.20 -12.18 3.47
N GLY A 404 24.35 -13.07 3.97
CA GLY A 404 23.05 -12.66 4.53
C GLY A 404 22.13 -11.98 3.54
N VAL A 405 22.16 -12.41 2.29
CA VAL A 405 21.37 -11.77 1.23
C VAL A 405 19.89 -12.06 1.42
N GLU A 406 19.07 -11.02 1.29
CA GLU A 406 17.63 -11.13 1.44
C GLU A 406 16.91 -10.00 0.74
N GLY A 407 15.64 -10.24 0.40
CA GLY A 407 14.75 -9.19 -0.08
C GLY A 407 14.16 -9.53 -1.43
N GLY A 408 13.97 -8.48 -2.24
CA GLY A 408 13.27 -8.60 -3.51
C GLY A 408 12.12 -7.63 -3.49
N GLY A 409 10.94 -8.10 -3.93
CA GLY A 409 9.75 -7.26 -4.06
C GLY A 409 9.13 -7.56 -5.39
N HIS A 410 9.02 -6.55 -6.25
CA HIS A 410 8.60 -6.78 -7.63
C HIS A 410 9.76 -7.34 -8.41
N SER A 411 9.45 -7.89 -9.57
CA SER A 411 10.49 -8.29 -10.53
C SER A 411 11.27 -7.07 -11.03
N TYR A 412 10.68 -5.88 -10.92
CA TYR A 412 11.24 -4.63 -11.47
C TYR A 412 11.57 -3.54 -10.41
N ALA A 413 11.16 -3.73 -9.17
CA ALA A 413 11.36 -2.71 -8.13
C ALA A 413 11.34 -3.34 -6.74
N GLY A 414 12.35 -3.04 -5.94
CA GLY A 414 12.45 -3.59 -4.61
C GLY A 414 13.79 -3.25 -3.98
N SER A 415 14.19 -4.05 -3.01
CA SER A 415 15.41 -3.79 -2.27
C SER A 415 16.04 -5.07 -1.75
N ILE A 416 17.35 -5.04 -1.62
CA ILE A 416 18.16 -6.14 -1.13
C ILE A 416 18.75 -5.72 0.20
N LYS A 417 18.91 -6.67 1.11
CA LYS A 417 19.70 -6.48 2.32
C LYS A 417 20.82 -7.51 2.29
N PHE A 418 21.91 -7.19 2.97
CA PHE A 418 23.08 -8.07 3.05
C PHE A 418 23.97 -7.60 4.21
N PHE A 419 24.98 -8.41 4.53
CA PHE A 419 25.98 -8.05 5.56
C PHE A 419 26.91 -6.96 5.03
N GLU A 420 27.14 -5.92 5.83
CA GLU A 420 27.96 -4.80 5.40
C GLU A 420 29.34 -5.23 4.92
N GLY A 421 29.93 -6.20 5.61
CA GLY A 421 31.25 -6.70 5.26
C GLY A 421 31.31 -7.50 3.97
N LYS A 422 30.17 -7.84 3.39
CA LYS A 422 30.14 -8.53 2.09
C LYS A 422 29.51 -7.66 0.98
N ARG A 423 29.43 -6.35 1.19
CA ARG A 423 28.78 -5.47 0.22
C ARG A 423 29.42 -5.55 -1.17
N LYS A 424 30.73 -5.39 -1.22
CA LYS A 424 31.48 -5.40 -2.48
C LYS A 424 31.14 -6.67 -3.27
N GLU A 425 31.21 -7.84 -2.62
CA GLU A 425 30.96 -9.11 -3.27
C GLU A 425 29.52 -9.24 -3.76
N VAL A 426 28.56 -8.82 -2.93
CA VAL A 426 27.16 -8.90 -3.30
C VAL A 426 26.83 -7.99 -4.51
N LEU A 427 27.33 -6.76 -4.49
CA LEU A 427 27.01 -5.80 -5.55
C LEU A 427 27.75 -6.09 -6.84
N GLU A 428 28.98 -6.58 -6.74
CA GLU A 428 29.68 -7.05 -7.92
C GLU A 428 28.99 -8.28 -8.53
N ALA A 429 28.48 -9.17 -7.68
CA ALA A 429 27.74 -10.33 -8.18
C ALA A 429 26.41 -9.89 -8.78
N PHE A 430 25.78 -8.88 -8.19
CA PHE A 430 24.57 -8.32 -8.76
C PHE A 430 24.86 -7.76 -10.15
N ALA A 431 25.97 -7.03 -10.29
CA ALA A 431 26.32 -6.41 -11.56
C ALA A 431 26.61 -7.46 -12.64
N LYS A 432 27.21 -8.59 -12.25
CA LYS A 432 27.52 -9.66 -13.20
C LYS A 432 26.24 -10.30 -13.72
N GLU A 433 25.25 -10.46 -12.85
CA GLU A 433 23.96 -10.99 -13.27
C GLU A 433 23.26 -10.08 -14.28
N VAL A 434 23.45 -8.77 -14.13
CA VAL A 434 22.85 -7.79 -15.05
C VAL A 434 23.59 -7.82 -16.40
N LEU A 435 24.93 -7.84 -16.37
CA LEU A 435 25.74 -8.03 -17.58
C LEU A 435 25.34 -9.25 -18.41
N LYS A 436 25.00 -10.34 -17.73
CA LYS A 436 24.69 -11.61 -18.38
C LYS A 436 23.27 -11.69 -18.96
N LEU A 437 22.42 -10.72 -18.66
CA LEU A 437 21.06 -10.72 -19.18
C LEU A 437 21.11 -10.67 -20.71
N LYS A 438 20.16 -11.34 -21.34
CA LYS A 438 20.09 -11.39 -22.81
C LYS A 438 18.73 -10.90 -23.26
N ALA A 439 18.72 -10.16 -24.38
CA ALA A 439 17.48 -9.56 -24.90
C ALA A 439 16.38 -10.60 -25.16
#